data_2PZA
#
_entry.id   2PZA
#
_cell.length_a   107.046
_cell.length_b   96.375
_cell.length_c   68.612
_cell.angle_alpha   90.00
_cell.angle_beta   90.00
_cell.angle_gamma   90.00
#
_symmetry.space_group_name_H-M   'P 21 21 2'
#
loop_
_entity.id
_entity.type
_entity.pdbx_description
1 polymer 'NH(3)-dependent NAD(+) synthetase'
2 non-polymer 'MAGNESIUM ION'
3 non-polymer 'ADENOSINE MONOPHOSPHATE'
4 non-polymer 'PYROPHOSPHATE 2-'
5 non-polymer GLYCEROL
6 water water
#
_entity_poly.entity_id   1
_entity_poly.type   'polypeptide(L)'
_entity_poly.pdbx_seq_one_letter_code
;MTLQEQIMKALHVQPVIDPKAEIRKRVDFLKDYVKKTGAKGFVLGISGGQDSTLAGRLAQLAVEEIRNEGGNATFIAVRL
PYKVQKDEDDAQLALQFIQADQSVAFDIASTVDAFSNQYENLLDESLTDFNKGNVKARIRMVTQYAIGGQKGLLVIGTDH
AAEAVTGFFTKFGDGGADLLPLTGLTKRQGRALLQELGADERLYLKMPTADLLDEKPGQADETELGITYDQLDDYLEGKT
VPADVAEKIEKRYTVSEHKRQVPASMFDDWWKLAAALEHHHHHH
;
_entity_poly.pdbx_strand_id   A,B
#
# COMPACT_ATOMS: atom_id res chain seq x y z
N MET A 1 31.30 3.17 -6.35
CA MET A 1 29.91 2.77 -6.39
C MET A 1 29.06 3.82 -7.10
N THR A 2 29.11 3.81 -8.43
CA THR A 2 28.33 4.77 -9.22
C THR A 2 26.85 4.62 -8.88
N LEU A 3 26.05 5.61 -9.29
CA LEU A 3 24.62 5.59 -9.02
C LEU A 3 23.99 4.39 -9.71
N GLN A 4 24.38 4.15 -10.95
CA GLN A 4 23.86 3.00 -11.70
C GLN A 4 24.15 1.75 -10.91
N GLU A 5 25.37 1.66 -10.37
CA GLU A 5 25.75 0.48 -9.59
C GLU A 5 24.96 0.42 -8.29
N GLN A 6 24.63 1.58 -7.73
CA GLN A 6 23.88 1.61 -6.49
C GLN A 6 22.47 1.10 -6.75
N ILE A 7 21.95 1.40 -7.93
CA ILE A 7 20.62 0.95 -8.30
C ILE A 7 20.61 -0.56 -8.51
N MET A 8 21.62 -1.09 -9.19
CA MET A 8 21.70 -2.52 -9.43
C MET A 8 21.69 -3.31 -8.12
N LYS A 9 22.42 -2.83 -7.13
CA LYS A 9 22.47 -3.53 -5.84
C LYS A 9 21.12 -3.43 -5.15
N ALA A 10 20.65 -2.21 -4.95
CA ALA A 10 19.36 -1.98 -4.32
C ALA A 10 18.22 -2.81 -4.93
N LEU A 11 18.18 -2.91 -6.26
CA LEU A 11 17.11 -3.64 -6.93
C LEU A 11 17.40 -5.10 -7.14
N HIS A 12 18.49 -5.57 -6.55
CA HIS A 12 18.90 -6.97 -6.64
C HIS A 12 18.97 -7.52 -8.05
N VAL A 13 19.57 -6.74 -8.94
CA VAL A 13 19.73 -7.14 -10.33
C VAL A 13 20.95 -8.05 -10.51
N GLN A 14 20.73 -9.21 -11.12
CA GLN A 14 21.83 -10.14 -11.39
C GLN A 14 22.12 -9.93 -12.88
N PRO A 15 23.29 -9.33 -13.19
CA PRO A 15 23.73 -9.04 -14.56
C PRO A 15 23.70 -10.22 -15.50
N VAL A 16 23.87 -11.42 -14.97
CA VAL A 16 23.84 -12.62 -15.79
C VAL A 16 23.04 -13.67 -15.03
N ILE A 17 22.17 -14.38 -15.75
CA ILE A 17 21.34 -15.38 -15.12
C ILE A 17 21.22 -16.68 -15.87
N ASP A 18 20.89 -17.74 -15.12
CA ASP A 18 20.63 -19.08 -15.65
C ASP A 18 19.13 -19.14 -15.45
N PRO A 19 18.35 -19.03 -16.52
CA PRO A 19 16.90 -19.08 -16.40
C PRO A 19 16.35 -20.24 -15.57
N LYS A 20 16.84 -21.45 -15.80
CA LYS A 20 16.35 -22.61 -15.06
C LYS A 20 16.49 -22.40 -13.56
N ALA A 21 17.68 -22.00 -13.13
CA ALA A 21 17.95 -21.78 -11.72
C ALA A 21 17.10 -20.66 -11.15
N GLU A 22 16.93 -19.59 -11.92
CA GLU A 22 16.11 -18.47 -11.45
C GLU A 22 14.70 -18.97 -11.18
N ILE A 23 14.17 -19.75 -12.10
CA ILE A 23 12.83 -20.29 -11.94
C ILE A 23 12.76 -21.08 -10.64
N ARG A 24 13.85 -21.80 -10.37
CA ARG A 24 13.96 -22.63 -9.16
C ARG A 24 13.85 -21.81 -7.87
N LYS A 25 14.70 -20.81 -7.75
CA LYS A 25 14.74 -19.95 -6.56
C LYS A 25 13.43 -19.18 -6.38
N ARG A 26 12.84 -18.76 -7.48
CA ARG A 26 11.59 -18.01 -7.40
C ARG A 26 10.42 -18.88 -6.99
N VAL A 27 10.36 -20.10 -7.54
CA VAL A 27 9.31 -21.02 -7.15
C VAL A 27 9.58 -21.43 -5.68
N ASP A 28 10.86 -21.55 -5.33
CA ASP A 28 11.20 -21.91 -3.96
C ASP A 28 10.80 -20.79 -3.00
N PHE A 29 10.93 -19.54 -3.45
CA PHE A 29 10.55 -18.40 -2.61
C PHE A 29 9.06 -18.40 -2.26
N LEU A 30 8.21 -18.60 -3.26
CA LEU A 30 6.77 -18.62 -3.02
C LEU A 30 6.42 -19.70 -2.00
N LYS A 31 7.04 -20.87 -2.12
CA LYS A 31 6.77 -21.97 -1.20
C LYS A 31 7.20 -21.67 0.23
N ASP A 32 8.43 -21.20 0.40
CA ASP A 32 8.95 -20.90 1.74
C ASP A 32 8.18 -19.82 2.48
N TYR A 33 7.74 -18.80 1.75
CA TYR A 33 6.99 -17.72 2.39
C TYR A 33 5.58 -18.18 2.74
N VAL A 34 4.91 -18.80 1.77
CA VAL A 34 3.56 -19.25 2.05
C VAL A 34 3.58 -20.23 3.21
N LYS A 35 4.64 -21.03 3.31
CA LYS A 35 4.78 -22.00 4.39
C LYS A 35 4.91 -21.31 5.75
N LYS A 36 5.62 -20.19 5.79
CA LYS A 36 5.85 -19.45 7.03
C LYS A 36 4.56 -18.78 7.51
N THR A 37 3.65 -18.50 6.58
CA THR A 37 2.40 -17.80 6.92
C THR A 37 1.19 -18.66 7.12
N GLY A 38 1.26 -19.93 6.74
CA GLY A 38 0.11 -20.80 6.90
C GLY A 38 -1.06 -20.40 6.02
N ALA A 39 -0.77 -19.72 4.91
CA ALA A 39 -1.81 -19.30 3.97
C ALA A 39 -2.26 -20.50 3.12
N LYS A 40 -3.47 -20.44 2.61
CA LYS A 40 -4.04 -21.51 1.80
C LYS A 40 -3.57 -21.52 0.33
N GLY A 41 -2.81 -20.51 -0.07
CA GLY A 41 -2.34 -20.44 -1.44
C GLY A 41 -2.12 -19.03 -1.94
N PHE A 42 -2.29 -18.84 -3.25
CA PHE A 42 -2.08 -17.52 -3.85
C PHE A 42 -3.23 -17.04 -4.73
N VAL A 43 -3.22 -15.74 -4.99
CA VAL A 43 -4.20 -15.09 -5.83
C VAL A 43 -3.43 -14.03 -6.60
N LEU A 44 -3.66 -13.95 -7.91
CA LEU A 44 -2.99 -12.98 -8.75
C LEU A 44 -3.85 -12.59 -9.94
N GLY A 45 -3.78 -11.31 -10.31
CA GLY A 45 -4.54 -10.83 -11.44
C GLY A 45 -3.73 -11.04 -12.70
N ILE A 46 -4.30 -11.73 -13.68
CA ILE A 46 -3.63 -11.99 -14.95
C ILE A 46 -4.13 -10.99 -15.99
N SER A 47 -3.22 -10.19 -16.53
CA SER A 47 -3.58 -9.16 -17.51
C SER A 47 -3.36 -9.53 -18.97
N GLY A 48 -2.60 -10.59 -19.20
CA GLY A 48 -2.29 -10.98 -20.56
C GLY A 48 -0.92 -10.42 -20.85
N GLY A 49 -0.44 -9.61 -19.92
CA GLY A 49 0.88 -9.02 -20.05
C GLY A 49 1.95 -9.98 -19.54
N GLN A 50 3.16 -9.78 -20.04
CA GLN A 50 4.32 -10.57 -19.70
C GLN A 50 4.56 -10.88 -18.22
N ASP A 51 4.57 -9.86 -17.37
CA ASP A 51 4.85 -10.04 -15.95
C ASP A 51 3.85 -10.89 -15.15
N SER A 52 2.56 -10.62 -15.28
CA SER A 52 1.54 -11.40 -14.56
C SER A 52 1.51 -12.80 -15.13
N THR A 53 1.73 -12.91 -16.44
CA THR A 53 1.77 -14.21 -17.10
C THR A 53 2.89 -15.06 -16.47
N LEU A 54 4.05 -14.44 -16.26
CA LEU A 54 5.19 -15.13 -15.67
C LEU A 54 4.99 -15.40 -14.19
N ALA A 55 4.56 -14.40 -13.45
CA ALA A 55 4.32 -14.56 -12.03
C ALA A 55 3.25 -15.64 -11.87
N GLY A 56 2.26 -15.59 -12.74
CA GLY A 56 1.19 -16.56 -12.70
C GLY A 56 1.66 -17.99 -12.75
N ARG A 57 2.48 -18.31 -13.76
CA ARG A 57 3.01 -19.67 -13.94
C ARG A 57 3.88 -20.12 -12.76
N LEU A 58 4.65 -19.19 -12.21
CA LEU A 58 5.50 -19.52 -11.08
C LEU A 58 4.63 -19.90 -9.90
N ALA A 59 3.45 -19.30 -9.81
CA ALA A 59 2.52 -19.54 -8.73
C ALA A 59 1.88 -20.91 -8.85
N GLN A 60 1.52 -21.30 -10.08
CA GLN A 60 0.90 -22.60 -10.30
C GLN A 60 1.96 -23.66 -10.02
N LEU A 61 3.20 -23.42 -10.40
CA LEU A 61 4.24 -24.40 -10.13
C LEU A 61 4.40 -24.56 -8.62
N ALA A 62 4.39 -23.44 -7.90
CA ALA A 62 4.53 -23.46 -6.45
C ALA A 62 3.46 -24.30 -5.76
N VAL A 63 2.19 -24.01 -6.02
CA VAL A 63 1.11 -24.76 -5.38
C VAL A 63 1.08 -26.22 -5.78
N GLU A 64 1.43 -26.56 -7.02
CA GLU A 64 1.44 -27.96 -7.41
C GLU A 64 2.53 -28.65 -6.59
N GLU A 65 3.69 -28.02 -6.52
CA GLU A 65 4.78 -28.59 -5.71
C GLU A 65 4.39 -28.70 -4.25
N ILE A 66 3.73 -27.68 -3.72
CA ILE A 66 3.30 -27.73 -2.33
C ILE A 66 2.37 -28.92 -2.17
N ARG A 67 1.56 -29.20 -3.17
CA ARG A 67 0.66 -30.33 -3.07
C ARG A 67 1.44 -31.65 -3.11
N ASN A 68 2.40 -31.79 -4.04
CA ASN A 68 3.17 -33.03 -4.13
C ASN A 68 4.00 -33.26 -2.88
N GLU A 69 4.26 -32.19 -2.12
CA GLU A 69 5.04 -32.33 -0.91
C GLU A 69 4.16 -32.75 0.26
N GLY A 70 2.87 -32.93 -0.01
CA GLY A 70 1.93 -33.35 1.01
C GLY A 70 1.13 -32.24 1.66
N GLY A 71 1.18 -31.04 1.09
CA GLY A 71 0.45 -29.93 1.65
C GLY A 71 -0.87 -29.60 0.96
N ASN A 72 -1.51 -28.53 1.41
CA ASN A 72 -2.77 -28.07 0.86
C ASN A 72 -2.59 -26.65 0.33
N ALA A 73 -2.68 -26.46 -0.98
CA ALA A 73 -2.52 -25.13 -1.57
C ALA A 73 -3.34 -24.93 -2.85
N THR A 74 -3.51 -23.68 -3.24
CA THR A 74 -4.28 -23.36 -4.44
C THR A 74 -3.89 -22.02 -5.04
N PHE A 75 -4.05 -21.91 -6.35
CA PHE A 75 -3.77 -20.68 -7.05
C PHE A 75 -5.00 -20.25 -7.84
N ILE A 76 -5.46 -19.03 -7.60
CA ILE A 76 -6.61 -18.50 -8.32
C ILE A 76 -6.10 -17.38 -9.23
N ALA A 77 -6.30 -17.54 -10.53
CA ALA A 77 -5.90 -16.51 -11.47
C ALA A 77 -7.16 -15.67 -11.69
N VAL A 78 -7.05 -14.35 -11.58
CA VAL A 78 -8.22 -13.51 -11.74
C VAL A 78 -8.12 -12.44 -12.82
N ARG A 79 -9.07 -12.47 -13.76
CA ARG A 79 -9.12 -11.50 -14.85
C ARG A 79 -9.77 -10.27 -14.26
N LEU A 80 -9.12 -9.11 -14.39
CA LEU A 80 -9.69 -7.89 -13.84
C LEU A 80 -9.82 -6.77 -14.87
N PRO A 81 -10.69 -6.98 -15.88
CA PRO A 81 -10.82 -5.92 -16.86
C PRO A 81 -11.78 -4.84 -16.45
N TYR A 82 -11.68 -3.71 -17.13
CA TYR A 82 -12.56 -2.56 -16.95
C TYR A 82 -13.42 -2.73 -18.20
N LYS A 83 -14.68 -3.06 -18.02
CA LYS A 83 -15.56 -3.28 -19.16
C LYS A 83 -14.87 -4.31 -20.06
N VAL A 84 -14.98 -4.16 -21.37
CA VAL A 84 -14.33 -5.08 -22.28
C VAL A 84 -12.87 -4.70 -22.40
N GLN A 85 -11.98 -5.62 -22.06
CA GLN A 85 -10.56 -5.34 -22.14
C GLN A 85 -10.09 -5.45 -23.57
N LYS A 86 -9.34 -4.44 -24.02
CA LYS A 86 -8.84 -4.40 -25.39
C LYS A 86 -8.17 -5.69 -25.84
N ASP A 87 -7.22 -6.18 -25.05
CA ASP A 87 -6.51 -7.40 -25.38
C ASP A 87 -6.97 -8.64 -24.63
N GLU A 88 -8.28 -8.79 -24.46
CA GLU A 88 -8.82 -9.95 -23.75
C GLU A 88 -8.24 -11.22 -24.36
N ASP A 89 -8.09 -11.23 -25.68
CA ASP A 89 -7.56 -12.42 -26.34
C ASP A 89 -6.24 -12.80 -25.69
N ASP A 90 -5.31 -11.84 -25.60
CA ASP A 90 -4.00 -12.10 -25.00
C ASP A 90 -4.08 -12.62 -23.55
N ALA A 91 -5.01 -12.09 -22.76
CA ALA A 91 -5.14 -12.54 -21.38
C ALA A 91 -5.57 -14.00 -21.40
N GLN A 92 -6.51 -14.33 -22.28
CA GLN A 92 -6.96 -15.71 -22.38
C GLN A 92 -5.80 -16.62 -22.75
N LEU A 93 -4.94 -16.13 -23.65
CA LEU A 93 -3.79 -16.91 -24.10
C LEU A 93 -2.82 -17.11 -22.93
N ALA A 94 -2.68 -16.10 -22.08
CA ALA A 94 -1.80 -16.23 -20.93
C ALA A 94 -2.43 -17.27 -19.98
N LEU A 95 -3.74 -17.23 -19.84
CA LEU A 95 -4.44 -18.19 -18.99
C LEU A 95 -4.19 -19.61 -19.50
N GLN A 96 -4.19 -19.79 -20.82
CA GLN A 96 -3.95 -21.10 -21.41
C GLN A 96 -2.55 -21.62 -21.02
N PHE A 97 -1.59 -20.71 -20.91
CA PHE A 97 -0.23 -21.08 -20.54
C PHE A 97 -0.08 -21.34 -19.03
N ILE A 98 -0.73 -20.50 -18.23
CA ILE A 98 -0.67 -20.64 -16.79
C ILE A 98 -1.24 -21.95 -16.24
N GLN A 99 -2.44 -22.30 -16.71
CA GLN A 99 -3.10 -23.51 -16.24
C GLN A 99 -3.33 -23.42 -14.73
N ALA A 100 -3.93 -22.30 -14.31
CA ALA A 100 -4.21 -22.07 -12.90
C ALA A 100 -5.19 -23.07 -12.31
N ASP A 101 -5.08 -23.31 -11.02
CA ASP A 101 -6.01 -24.23 -10.37
C ASP A 101 -7.42 -23.71 -10.62
N GLN A 102 -7.59 -22.41 -10.48
CA GLN A 102 -8.88 -21.80 -10.70
C GLN A 102 -8.66 -20.47 -11.40
N SER A 103 -9.64 -20.08 -12.21
CA SER A 103 -9.57 -18.81 -12.91
C SER A 103 -10.98 -18.21 -12.85
N VAL A 104 -11.05 -16.90 -12.62
CA VAL A 104 -12.33 -16.21 -12.55
C VAL A 104 -12.18 -14.78 -13.07
N ALA A 105 -13.29 -14.25 -13.58
CA ALA A 105 -13.31 -12.90 -14.12
C ALA A 105 -14.16 -11.97 -13.25
N PHE A 106 -13.61 -10.81 -12.96
CA PHE A 106 -14.29 -9.83 -12.12
C PHE A 106 -14.19 -8.44 -12.78
N ASP A 107 -15.23 -8.02 -13.48
CA ASP A 107 -15.23 -6.72 -14.14
C ASP A 107 -15.25 -5.68 -13.04
N ILE A 108 -14.27 -4.78 -13.07
CA ILE A 108 -14.17 -3.74 -12.06
C ILE A 108 -14.91 -2.45 -12.38
N ALA A 109 -15.52 -2.37 -13.56
CA ALA A 109 -16.22 -1.16 -14.01
C ALA A 109 -17.28 -0.61 -13.04
N SER A 110 -18.17 -1.47 -12.57
CA SER A 110 -19.21 -1.01 -11.64
C SER A 110 -18.58 -0.31 -10.43
N THR A 111 -17.51 -0.87 -9.90
CA THR A 111 -16.86 -0.29 -8.74
C THR A 111 -16.19 1.03 -9.07
N VAL A 112 -15.36 1.02 -10.11
CA VAL A 112 -14.64 2.21 -10.53
C VAL A 112 -15.59 3.35 -10.88
N ASP A 113 -16.56 3.07 -11.76
CA ASP A 113 -17.51 4.08 -12.18
C ASP A 113 -18.33 4.61 -11.01
N ALA A 114 -18.63 3.75 -10.05
CA ALA A 114 -19.40 4.18 -8.88
C ALA A 114 -18.57 5.27 -8.19
N PHE A 115 -17.29 4.98 -7.99
CA PHE A 115 -16.42 5.95 -7.34
C PHE A 115 -16.25 7.26 -8.11
N SER A 116 -16.02 7.17 -9.42
CA SER A 116 -15.82 8.40 -10.20
C SER A 116 -17.07 9.23 -10.42
N ASN A 117 -18.23 8.59 -10.40
CA ASN A 117 -19.49 9.32 -10.56
C ASN A 117 -19.73 10.06 -9.25
N GLN A 118 -19.30 9.45 -8.16
CA GLN A 118 -19.41 10.02 -6.83
C GLN A 118 -18.45 11.20 -6.65
N TYR A 119 -17.23 11.04 -7.16
CA TYR A 119 -16.23 12.08 -7.06
C TYR A 119 -16.67 13.34 -7.81
N GLU A 120 -16.85 13.19 -9.12
CA GLU A 120 -17.27 14.32 -9.96
C GLU A 120 -18.45 15.04 -9.34
N ASN A 121 -19.41 14.27 -8.85
CA ASN A 121 -20.62 14.83 -8.24
C ASN A 121 -20.32 15.72 -7.04
N LEU A 122 -19.75 15.12 -6.00
CA LEU A 122 -19.42 15.81 -4.76
C LEU A 122 -18.26 16.78 -4.77
N LEU A 123 -17.31 16.59 -5.69
CA LEU A 123 -16.17 17.48 -5.75
C LEU A 123 -16.21 18.44 -6.93
N ASP A 124 -17.33 18.41 -7.65
CA ASP A 124 -17.56 19.31 -8.79
C ASP A 124 -16.46 19.43 -9.83
N GLU A 125 -15.74 18.34 -10.05
CA GLU A 125 -14.71 18.31 -11.07
C GLU A 125 -14.71 16.85 -11.46
N SER A 126 -14.19 16.52 -12.63
CA SER A 126 -14.16 15.14 -13.06
C SER A 126 -12.75 14.66 -12.89
N LEU A 127 -12.59 13.36 -12.69
CA LEU A 127 -11.26 12.80 -12.55
C LEU A 127 -10.58 12.84 -13.91
N THR A 128 -9.31 13.25 -13.94
CA THR A 128 -8.54 13.28 -15.17
C THR A 128 -8.45 11.82 -15.60
N ASP A 129 -8.09 11.58 -16.85
CA ASP A 129 -7.97 10.22 -17.33
C ASP A 129 -6.91 9.48 -16.52
N PHE A 130 -5.85 10.19 -16.17
CA PHE A 130 -4.75 9.60 -15.42
C PHE A 130 -5.16 9.15 -14.02
N ASN A 131 -5.75 10.05 -13.25
CA ASN A 131 -6.16 9.71 -11.90
C ASN A 131 -7.22 8.64 -11.89
N LYS A 132 -8.10 8.67 -12.88
CA LYS A 132 -9.13 7.67 -12.96
C LYS A 132 -8.42 6.33 -13.18
N GLY A 133 -7.38 6.35 -14.01
CA GLY A 133 -6.61 5.15 -14.29
C GLY A 133 -5.99 4.58 -13.03
N ASN A 134 -5.58 5.46 -12.11
CA ASN A 134 -5.00 5.01 -10.87
C ASN A 134 -6.07 4.42 -9.96
N VAL A 135 -7.32 4.85 -10.16
CA VAL A 135 -8.41 4.32 -9.37
C VAL A 135 -8.57 2.85 -9.78
N LYS A 136 -8.54 2.61 -11.09
CA LYS A 136 -8.68 1.25 -11.63
C LYS A 136 -7.62 0.32 -11.05
N ALA A 137 -6.39 0.79 -11.04
CA ALA A 137 -5.28 0.01 -10.51
C ALA A 137 -5.55 -0.36 -9.06
N ARG A 138 -5.93 0.64 -8.27
CA ARG A 138 -6.21 0.43 -6.86
C ARG A 138 -7.39 -0.48 -6.61
N ILE A 139 -8.44 -0.35 -7.42
CA ILE A 139 -9.59 -1.23 -7.25
C ILE A 139 -9.18 -2.67 -7.61
N ARG A 140 -8.21 -2.83 -8.51
CA ARG A 140 -7.74 -4.17 -8.85
C ARG A 140 -7.09 -4.79 -7.61
N MET A 141 -6.42 -3.95 -6.83
CA MET A 141 -5.78 -4.40 -5.59
C MET A 141 -6.83 -4.79 -4.57
N VAL A 142 -7.87 -3.97 -4.46
CA VAL A 142 -8.95 -4.24 -3.53
C VAL A 142 -9.58 -5.58 -3.86
N THR A 143 -9.77 -5.86 -5.15
CA THR A 143 -10.38 -7.11 -5.57
C THR A 143 -9.52 -8.31 -5.16
N GLN A 144 -8.22 -8.28 -5.48
CA GLN A 144 -7.32 -9.37 -5.11
C GLN A 144 -7.23 -9.58 -3.58
N TYR A 145 -7.28 -8.51 -2.82
CA TYR A 145 -7.23 -8.68 -1.37
C TYR A 145 -8.57 -9.16 -0.83
N ALA A 146 -9.65 -8.89 -1.57
CA ALA A 146 -10.97 -9.34 -1.15
C ALA A 146 -11.04 -10.87 -1.31
N ILE A 147 -10.65 -11.35 -2.49
CA ILE A 147 -10.65 -12.77 -2.78
C ILE A 147 -9.66 -13.46 -1.84
N GLY A 148 -8.49 -12.86 -1.66
CA GLY A 148 -7.48 -13.43 -0.79
C GLY A 148 -7.94 -13.52 0.65
N GLY A 149 -8.61 -12.47 1.13
CA GLY A 149 -9.09 -12.46 2.51
C GLY A 149 -10.15 -13.50 2.75
N GLN A 150 -11.02 -13.69 1.76
CA GLN A 150 -12.10 -14.65 1.84
C GLN A 150 -11.63 -16.10 1.72
N LYS A 151 -10.61 -16.36 0.91
CA LYS A 151 -10.10 -17.72 0.71
C LYS A 151 -8.78 -18.00 1.44
N GLY A 152 -8.28 -17.02 2.17
CA GLY A 152 -7.03 -17.17 2.91
C GLY A 152 -5.83 -17.30 1.99
N LEU A 153 -5.71 -16.40 1.02
CA LEU A 153 -4.60 -16.45 0.07
C LEU A 153 -3.71 -15.20 0.10
N LEU A 154 -2.46 -15.39 -0.30
CA LEU A 154 -1.50 -14.29 -0.36
C LEU A 154 -1.60 -13.64 -1.73
N VAL A 155 -1.42 -12.32 -1.77
CA VAL A 155 -1.49 -11.58 -3.01
C VAL A 155 -0.11 -11.45 -3.65
N ILE A 156 0.05 -12.05 -4.83
CA ILE A 156 1.32 -11.99 -5.53
C ILE A 156 1.41 -10.69 -6.28
N GLY A 157 2.57 -10.05 -6.20
CA GLY A 157 2.82 -8.80 -6.88
C GLY A 157 3.76 -9.10 -8.02
N THR A 158 3.69 -8.33 -9.10
CA THR A 158 4.53 -8.60 -10.25
C THR A 158 5.67 -7.62 -10.45
N ASP A 159 5.98 -6.84 -9.43
CA ASP A 159 7.07 -5.87 -9.52
C ASP A 159 8.42 -6.56 -9.79
N HIS A 160 9.20 -5.97 -10.68
CA HIS A 160 10.52 -6.48 -11.02
C HIS A 160 11.46 -5.29 -11.16
N ALA A 161 12.71 -5.55 -11.52
CA ALA A 161 13.67 -4.47 -11.66
C ALA A 161 13.30 -3.43 -12.72
N ALA A 162 12.84 -3.87 -13.88
CA ALA A 162 12.50 -2.94 -14.94
C ALA A 162 11.44 -1.91 -14.56
N GLU A 163 10.48 -2.30 -13.72
CA GLU A 163 9.44 -1.37 -13.30
C GLU A 163 9.84 -0.61 -12.04
N ALA A 164 10.57 -1.27 -11.16
CA ALA A 164 11.01 -0.67 -9.92
C ALA A 164 11.93 0.53 -10.10
N VAL A 165 12.90 0.39 -10.99
CA VAL A 165 13.86 1.47 -11.22
C VAL A 165 13.21 2.78 -11.64
N THR A 166 12.16 2.69 -12.45
CA THR A 166 11.46 3.89 -12.90
C THR A 166 10.22 4.09 -12.03
N GLY A 167 10.01 3.18 -11.07
CA GLY A 167 8.86 3.27 -10.18
C GLY A 167 7.57 3.27 -10.99
N PHE A 168 7.51 2.39 -11.96
CA PHE A 168 6.36 2.32 -12.85
C PHE A 168 5.29 1.35 -12.40
N PHE A 169 4.49 1.81 -11.43
CA PHE A 169 3.38 1.06 -10.88
C PHE A 169 2.59 2.05 -10.05
N THR A 170 1.39 1.69 -9.62
CA THR A 170 0.56 2.59 -8.83
C THR A 170 0.74 2.28 -7.36
N LYS A 171 1.09 3.30 -6.58
CA LYS A 171 1.29 3.11 -5.16
C LYS A 171 0.00 2.59 -4.55
N PHE A 172 0.11 1.47 -3.83
CA PHE A 172 -1.04 0.86 -3.20
C PHE A 172 -2.06 0.40 -4.25
N GLY A 173 -1.59 0.23 -5.49
CA GLY A 173 -2.43 -0.24 -6.57
C GLY A 173 -1.86 -1.61 -6.91
N ASP A 174 -1.25 -1.75 -8.08
CA ASP A 174 -0.63 -3.02 -8.43
C ASP A 174 0.64 -3.11 -7.61
N GLY A 175 1.10 -1.97 -7.13
CA GLY A 175 2.30 -1.92 -6.33
C GLY A 175 2.08 -2.51 -4.94
N GLY A 176 0.83 -2.54 -4.49
CA GLY A 176 0.52 -3.10 -3.18
C GLY A 176 0.29 -4.61 -3.27
N ALA A 177 1.09 -5.37 -2.53
CA ALA A 177 0.98 -6.83 -2.54
C ALA A 177 1.71 -7.45 -1.35
N ASP A 178 1.63 -8.76 -1.19
CA ASP A 178 2.31 -9.40 -0.07
C ASP A 178 3.64 -10.03 -0.42
N LEU A 179 3.72 -10.63 -1.61
CA LEU A 179 4.89 -11.38 -2.07
C LEU A 179 5.33 -11.00 -3.48
N LEU A 180 6.63 -10.76 -3.67
CA LEU A 180 7.17 -10.37 -4.99
C LEU A 180 8.19 -11.36 -5.57
N PRO A 181 7.70 -12.34 -6.35
CA PRO A 181 8.56 -13.37 -6.95
C PRO A 181 9.44 -12.95 -8.13
N LEU A 182 9.22 -11.76 -8.67
CA LEU A 182 10.01 -11.33 -9.81
C LEU A 182 11.09 -10.31 -9.47
N THR A 183 11.21 -9.99 -8.19
CA THR A 183 12.18 -8.99 -7.75
C THR A 183 13.57 -9.18 -8.35
N GLY A 184 14.11 -8.11 -8.92
CA GLY A 184 15.46 -8.16 -9.48
C GLY A 184 15.59 -8.47 -10.95
N LEU A 185 14.59 -9.10 -11.53
CA LEU A 185 14.66 -9.45 -12.95
C LEU A 185 14.42 -8.26 -13.88
N THR A 186 15.25 -8.15 -14.91
CA THR A 186 15.07 -7.10 -15.90
C THR A 186 13.96 -7.60 -16.85
N LYS A 187 13.48 -6.73 -17.73
CA LYS A 187 12.43 -7.14 -18.64
C LYS A 187 12.87 -8.31 -19.54
N ARG A 188 14.01 -8.19 -20.19
CA ARG A 188 14.44 -9.26 -21.07
C ARG A 188 14.71 -10.57 -20.31
N GLN A 189 15.09 -10.47 -19.05
CA GLN A 189 15.34 -11.67 -18.26
C GLN A 189 14.00 -12.35 -18.01
N GLY A 190 12.98 -11.56 -17.71
CA GLY A 190 11.67 -12.12 -17.49
C GLY A 190 11.23 -12.91 -18.71
N ARG A 191 11.57 -12.43 -19.90
CA ARG A 191 11.21 -13.11 -21.13
C ARG A 191 11.99 -14.43 -21.23
N ALA A 192 13.22 -14.42 -20.74
CA ALA A 192 14.07 -15.61 -20.76
C ALA A 192 13.55 -16.71 -19.84
N LEU A 193 12.74 -16.35 -18.84
CA LEU A 193 12.18 -17.36 -17.95
C LEU A 193 10.94 -17.92 -18.62
N LEU A 194 10.28 -17.08 -19.41
CA LEU A 194 9.07 -17.51 -20.13
C LEU A 194 9.45 -18.47 -21.25
N GLN A 195 10.58 -18.22 -21.89
CA GLN A 195 11.05 -19.09 -22.96
C GLN A 195 11.44 -20.44 -22.37
N GLU A 196 12.12 -20.38 -21.23
CA GLU A 196 12.56 -21.60 -20.55
C GLU A 196 11.34 -22.41 -20.07
N LEU A 197 10.26 -21.72 -19.72
CA LEU A 197 9.05 -22.40 -19.28
C LEU A 197 8.17 -22.77 -20.46
N GLY A 198 8.69 -22.52 -21.67
CA GLY A 198 7.97 -22.85 -22.90
C GLY A 198 6.75 -22.03 -23.25
N ALA A 199 6.73 -20.76 -22.86
CA ALA A 199 5.59 -19.91 -23.16
C ALA A 199 5.49 -19.54 -24.65
N ASP A 200 4.25 -19.48 -25.15
CA ASP A 200 4.00 -19.09 -26.54
C ASP A 200 4.72 -17.75 -26.75
N GLU A 201 5.44 -17.60 -27.86
CA GLU A 201 6.19 -16.36 -28.10
C GLU A 201 5.33 -15.12 -28.05
N ARG A 202 4.05 -15.27 -28.34
CA ARG A 202 3.14 -14.13 -28.32
C ARG A 202 3.07 -13.56 -26.90
N LEU A 203 3.29 -14.41 -25.91
CA LEU A 203 3.22 -13.99 -24.52
C LEU A 203 4.38 -13.12 -24.05
N TYR A 204 5.56 -13.25 -24.64
CA TYR A 204 6.65 -12.40 -24.20
C TYR A 204 7.06 -11.34 -25.21
N LEU A 205 6.49 -11.39 -26.40
CA LEU A 205 6.79 -10.40 -27.44
C LEU A 205 5.71 -9.30 -27.43
N LYS A 206 4.68 -9.49 -26.61
CA LYS A 206 3.61 -8.51 -26.48
C LYS A 206 4.17 -7.16 -25.99
N MET A 207 3.53 -6.07 -26.40
CA MET A 207 3.98 -4.73 -26.01
C MET A 207 3.59 -4.41 -24.57
N PRO A 208 4.59 -4.20 -23.69
CA PRO A 208 4.31 -3.88 -22.28
C PRO A 208 3.39 -2.69 -22.15
N THR A 209 2.31 -2.85 -21.38
CA THR A 209 1.37 -1.76 -21.19
C THR A 209 0.56 -1.92 -19.92
N ALA A 210 0.31 -0.81 -19.23
CA ALA A 210 -0.44 -0.81 -18.00
C ALA A 210 -1.91 -0.70 -18.34
N ASP A 211 -2.18 -0.28 -19.57
CA ASP A 211 -3.54 -0.12 -20.10
C ASP A 211 -4.55 0.39 -19.06
N LEU A 212 -4.34 1.62 -18.60
CA LEU A 212 -5.21 2.23 -17.62
C LEU A 212 -6.03 3.42 -18.16
N LEU A 213 -5.47 4.13 -19.14
CA LEU A 213 -6.14 5.31 -19.70
C LEU A 213 -7.36 5.00 -20.57
N ASP A 214 -8.39 5.84 -20.46
CA ASP A 214 -9.62 5.67 -21.23
C ASP A 214 -9.47 6.23 -22.63
N GLU A 215 -8.49 7.12 -22.80
CA GLU A 215 -8.30 7.74 -24.10
C GLU A 215 -7.10 7.25 -24.88
N LYS A 216 -6.27 6.44 -24.25
CA LYS A 216 -5.09 5.94 -24.90
C LYS A 216 -4.91 4.52 -24.44
N PRO A 217 -5.98 3.73 -24.51
CA PRO A 217 -5.90 2.34 -24.08
C PRO A 217 -4.75 1.59 -24.73
N GLY A 218 -4.15 0.66 -24.00
CA GLY A 218 -3.05 -0.13 -24.54
C GLY A 218 -1.79 0.65 -24.84
N GLN A 219 -1.66 1.83 -24.23
CA GLN A 219 -0.49 2.68 -24.47
C GLN A 219 0.81 2.00 -24.06
N ALA A 220 1.77 2.05 -24.96
CA ALA A 220 3.08 1.45 -24.74
C ALA A 220 3.82 2.09 -23.58
N ASP A 221 4.29 1.25 -22.67
CA ASP A 221 5.03 1.71 -21.52
C ASP A 221 6.09 2.66 -22.04
N GLU A 222 6.87 2.20 -23.01
CA GLU A 222 7.93 3.01 -23.60
C GLU A 222 7.45 4.38 -24.05
N THR A 223 6.24 4.45 -24.60
CA THR A 223 5.69 5.72 -25.06
C THR A 223 5.53 6.70 -23.90
N GLU A 224 5.32 6.17 -22.70
CA GLU A 224 5.14 7.01 -21.54
C GLU A 224 6.49 7.25 -20.87
N LEU A 225 7.36 6.25 -20.96
CA LEU A 225 8.67 6.36 -20.35
C LEU A 225 9.67 7.26 -21.10
N GLY A 226 9.67 7.17 -22.42
CA GLY A 226 10.61 7.94 -23.20
C GLY A 226 11.92 7.17 -23.21
N ILE A 227 11.87 6.01 -22.56
CA ILE A 227 13.02 5.11 -22.44
C ILE A 227 12.52 3.75 -22.92
N THR A 228 13.27 3.06 -23.78
CA THR A 228 12.82 1.75 -24.22
C THR A 228 13.28 0.74 -23.17
N TYR A 229 12.75 -0.48 -23.24
CA TYR A 229 13.13 -1.52 -22.29
C TYR A 229 14.52 -2.07 -22.61
N ASP A 230 14.94 -1.96 -23.86
CA ASP A 230 16.26 -2.43 -24.28
C ASP A 230 17.26 -1.60 -23.48
N GLN A 231 17.00 -0.30 -23.44
CA GLN A 231 17.86 0.62 -22.72
C GLN A 231 17.79 0.31 -21.23
N LEU A 232 16.60 0.42 -20.65
CA LEU A 232 16.45 0.12 -19.23
C LEU A 232 17.15 -1.18 -18.86
N ASP A 233 16.88 -2.26 -19.60
CA ASP A 233 17.55 -3.52 -19.28
C ASP A 233 19.06 -3.32 -19.39
N ASP A 234 19.52 -2.68 -20.46
CA ASP A 234 20.95 -2.43 -20.63
C ASP A 234 21.49 -1.76 -19.39
N TYR A 235 20.86 -0.66 -19.01
CA TYR A 235 21.27 0.09 -17.83
C TYR A 235 21.31 -0.81 -16.60
N LEU A 236 20.20 -1.46 -16.30
CA LEU A 236 20.09 -2.33 -15.13
C LEU A 236 21.09 -3.47 -15.13
N GLU A 237 21.40 -3.99 -16.31
CA GLU A 237 22.34 -5.09 -16.41
C GLU A 237 23.79 -4.64 -16.30
N GLY A 238 24.01 -3.33 -16.18
CA GLY A 238 25.36 -2.82 -16.03
C GLY A 238 26.06 -2.35 -17.28
N LYS A 239 25.42 -2.56 -18.43
CA LYS A 239 25.99 -2.11 -19.68
C LYS A 239 26.08 -0.59 -19.67
N THR A 240 26.63 -0.01 -20.73
CA THR A 240 26.76 1.44 -20.81
C THR A 240 25.64 1.92 -21.71
N VAL A 241 25.16 3.11 -21.46
CA VAL A 241 24.09 3.68 -22.28
C VAL A 241 24.37 5.19 -22.45
N PRO A 242 23.72 5.82 -23.45
CA PRO A 242 23.93 7.24 -23.69
C PRO A 242 23.73 8.07 -22.42
N ALA A 243 24.69 8.93 -22.11
CA ALA A 243 24.60 9.75 -20.92
C ALA A 243 23.18 10.31 -20.85
N ASP A 244 22.61 10.58 -22.03
CA ASP A 244 21.26 11.12 -22.15
C ASP A 244 20.26 10.20 -21.45
N VAL A 245 20.40 8.91 -21.72
CA VAL A 245 19.55 7.88 -21.17
C VAL A 245 19.79 7.63 -19.68
N ALA A 246 21.03 7.36 -19.32
CA ALA A 246 21.36 7.12 -17.92
C ALA A 246 20.74 8.18 -17.03
N GLU A 247 21.08 9.43 -17.30
CA GLU A 247 20.57 10.55 -16.51
C GLU A 247 19.05 10.57 -16.35
N LYS A 248 18.32 10.31 -17.42
CA LYS A 248 16.86 10.33 -17.31
C LYS A 248 16.36 9.21 -16.39
N ILE A 249 16.94 8.01 -16.56
CA ILE A 249 16.59 6.86 -15.74
C ILE A 249 16.95 7.13 -14.29
N GLU A 250 18.07 7.78 -14.08
CA GLU A 250 18.52 8.08 -12.74
C GLU A 250 17.68 9.13 -12.02
N LYS A 251 17.07 10.04 -12.76
CA LYS A 251 16.23 11.04 -12.12
C LYS A 251 14.85 10.44 -11.82
N ARG A 252 14.37 9.61 -12.75
CA ARG A 252 13.08 8.95 -12.57
C ARG A 252 13.19 8.08 -11.33
N TYR A 253 14.36 7.48 -11.17
CA TYR A 253 14.63 6.60 -10.04
C TYR A 253 14.61 7.34 -8.71
N THR A 254 15.42 8.40 -8.59
CA THR A 254 15.51 9.17 -7.35
C THR A 254 14.22 9.87 -6.93
N VAL A 255 13.40 10.29 -7.90
CA VAL A 255 12.16 10.97 -7.55
C VAL A 255 11.06 10.00 -7.13
N SER A 256 11.27 8.72 -7.39
CA SER A 256 10.27 7.68 -7.06
C SER A 256 10.65 6.80 -5.88
N GLU A 257 11.65 7.22 -5.12
CA GLU A 257 12.11 6.47 -3.97
C GLU A 257 10.95 6.24 -2.98
N HIS A 258 10.07 7.22 -2.86
CA HIS A 258 8.94 7.12 -1.94
C HIS A 258 8.02 5.94 -2.28
N LYS A 259 8.07 5.48 -3.52
CA LYS A 259 7.24 4.36 -3.94
C LYS A 259 7.86 3.03 -3.55
N ARG A 260 9.15 3.03 -3.27
CA ARG A 260 9.85 1.81 -2.92
C ARG A 260 10.15 1.74 -1.42
N GLN A 261 9.50 2.61 -0.67
CA GLN A 261 9.68 2.65 0.77
C GLN A 261 8.32 2.66 1.44
N VAL A 262 8.27 2.27 2.70
CA VAL A 262 7.00 2.33 3.42
C VAL A 262 6.90 3.82 3.68
N PRO A 263 5.71 4.31 4.02
CA PRO A 263 5.47 5.74 4.31
C PRO A 263 6.59 6.38 5.09
N ALA A 264 6.98 7.59 4.72
CA ALA A 264 8.06 8.29 5.39
C ALA A 264 7.63 8.91 6.71
N SER A 265 8.50 8.81 7.71
CA SER A 265 8.24 9.44 8.99
C SER A 265 9.49 10.25 9.22
N MET A 266 9.48 11.09 10.24
CA MET A 266 10.64 11.93 10.54
C MET A 266 11.89 11.16 10.96
N PHE A 267 11.77 9.85 11.14
CA PHE A 267 12.92 9.05 11.54
C PHE A 267 13.63 8.40 10.36
N ASP A 268 13.06 8.53 9.17
CA ASP A 268 13.64 7.96 7.96
C ASP A 268 14.63 8.93 7.33
N ASP A 269 15.64 8.39 6.66
CA ASP A 269 16.68 9.20 6.03
C ASP A 269 16.57 9.33 4.53
N TRP A 270 16.12 8.26 3.88
CA TRP A 270 16.04 8.27 2.42
C TRP A 270 15.41 9.52 1.81
N TRP A 271 14.46 10.15 2.50
CA TRP A 271 13.86 11.34 1.93
C TRP A 271 14.66 12.60 2.27
N LYS A 272 15.48 12.51 3.31
CA LYS A 272 16.32 13.64 3.72
C LYS A 272 17.52 13.77 2.79
N LEU A 273 18.13 12.64 2.51
CA LEU A 273 19.29 12.56 1.62
C LEU A 273 18.88 13.00 0.22
N ALA A 274 17.64 12.65 -0.14
CA ALA A 274 17.10 12.96 -1.46
C ALA A 274 16.98 14.47 -1.84
N ALA A 275 17.49 14.80 -3.04
CA ALA A 275 17.46 16.16 -3.60
C ALA A 275 16.01 16.62 -3.78
N ALA A 276 15.19 15.73 -4.32
CA ALA A 276 13.77 16.02 -4.55
C ALA A 276 12.97 14.72 -4.54
N LEU A 277 11.67 14.83 -4.84
CA LEU A 277 10.74 13.69 -4.86
C LEU A 277 9.48 14.21 -5.51
N GLU A 278 8.91 13.44 -6.44
CA GLU A 278 7.68 13.85 -7.12
C GLU A 278 6.62 12.76 -6.93
N HIS A 279 5.42 13.16 -6.55
CA HIS A 279 4.31 12.22 -6.33
C HIS A 279 3.27 12.24 -7.45
N MET B 1 19.25 -7.43 23.47
CA MET B 1 18.19 -6.62 24.06
C MET B 1 16.97 -7.46 24.36
N THR B 2 16.11 -6.97 25.26
CA THR B 2 14.86 -7.67 25.56
C THR B 2 14.05 -7.39 24.27
N LEU B 3 13.14 -8.29 23.92
CA LEU B 3 12.31 -8.09 22.73
C LEU B 3 11.64 -6.71 22.84
N GLN B 4 11.18 -6.39 24.04
CA GLN B 4 10.53 -5.12 24.30
C GLN B 4 11.39 -3.92 23.89
N GLU B 5 12.67 -3.93 24.27
CA GLU B 5 13.58 -2.84 23.94
C GLU B 5 13.76 -2.73 22.42
N GLN B 6 13.59 -3.86 21.74
CA GLN B 6 13.73 -3.90 20.29
C GLN B 6 12.53 -3.24 19.62
N ILE B 7 11.36 -3.50 20.16
CA ILE B 7 10.14 -2.91 19.62
C ILE B 7 10.19 -1.40 19.81
N MET B 8 10.53 -0.97 21.02
CA MET B 8 10.59 0.44 21.36
C MET B 8 11.54 1.20 20.44
N LYS B 9 12.67 0.58 20.12
CA LYS B 9 13.66 1.20 19.26
C LYS B 9 13.24 1.19 17.81
N ALA B 10 12.68 0.06 17.38
CA ALA B 10 12.25 -0.08 16.00
C ALA B 10 11.07 0.86 15.69
N LEU B 11 10.20 1.08 16.67
CA LEU B 11 9.03 1.94 16.49
C LEU B 11 9.27 3.39 16.90
N HIS B 12 10.53 3.71 17.22
CA HIS B 12 10.92 5.06 17.59
C HIS B 12 10.13 5.67 18.75
N VAL B 13 9.81 4.86 19.75
CA VAL B 13 9.07 5.36 20.89
C VAL B 13 10.03 6.01 21.91
N GLN B 14 9.67 7.22 22.34
CA GLN B 14 10.45 7.95 23.34
C GLN B 14 9.65 7.81 24.63
N PRO B 15 10.24 7.16 25.66
CA PRO B 15 9.60 6.93 26.97
C PRO B 15 9.07 8.18 27.66
N VAL B 16 9.72 9.31 27.41
CA VAL B 16 9.30 10.60 27.99
C VAL B 16 9.32 11.63 26.87
N ILE B 17 8.30 12.49 26.84
CA ILE B 17 8.20 13.49 25.79
C ILE B 17 7.77 14.84 26.31
N ASP B 18 8.13 15.89 25.57
CA ASP B 18 7.71 17.24 25.89
C ASP B 18 6.69 17.50 24.79
N PRO B 19 5.39 17.45 25.12
CA PRO B 19 4.31 17.68 24.15
C PRO B 19 4.53 18.87 23.20
N LYS B 20 4.94 20.00 23.77
CA LYS B 20 5.19 21.23 23.02
C LYS B 20 6.21 21.00 21.91
N ALA B 21 7.32 20.36 22.28
CA ALA B 21 8.39 20.08 21.35
C ALA B 21 8.02 19.02 20.30
N GLU B 22 7.27 18.00 20.71
CA GLU B 22 6.84 16.96 19.78
C GLU B 22 5.98 17.57 18.69
N ILE B 23 5.16 18.54 19.07
CA ILE B 23 4.31 19.20 18.10
C ILE B 23 5.17 19.96 17.11
N ARG B 24 6.22 20.63 17.61
CA ARG B 24 7.12 21.40 16.75
C ARG B 24 7.90 20.52 15.76
N LYS B 25 8.41 19.39 16.23
CA LYS B 25 9.15 18.47 15.37
C LYS B 25 8.24 17.85 14.32
N ARG B 26 7.05 17.46 14.73
CA ARG B 26 6.12 16.84 13.79
C ARG B 26 5.56 17.82 12.77
N VAL B 27 5.33 19.07 13.15
CA VAL B 27 4.87 20.05 12.18
C VAL B 27 6.05 20.34 11.24
N ASP B 28 7.25 20.35 11.80
CA ASP B 28 8.45 20.59 11.01
C ASP B 28 8.66 19.45 9.99
N PHE B 29 8.26 18.24 10.36
CA PHE B 29 8.41 17.11 9.44
C PHE B 29 7.46 17.23 8.25
N LEU B 30 6.23 17.68 8.48
CA LEU B 30 5.30 17.82 7.37
C LEU B 30 5.83 18.86 6.39
N LYS B 31 6.29 19.99 6.92
CA LYS B 31 6.82 21.05 6.10
C LYS B 31 8.03 20.64 5.25
N ASP B 32 8.99 19.93 5.86
CA ASP B 32 10.19 19.49 5.15
C ASP B 32 9.92 18.53 3.99
N TYR B 33 9.19 17.46 4.27
CA TYR B 33 8.88 16.49 3.25
C TYR B 33 8.12 17.17 2.10
N VAL B 34 6.99 17.81 2.41
CA VAL B 34 6.20 18.46 1.37
C VAL B 34 7.02 19.47 0.56
N LYS B 35 7.87 20.25 1.23
CA LYS B 35 8.71 21.21 0.54
C LYS B 35 9.68 20.50 -0.38
N LYS B 36 10.03 19.26 -0.07
CA LYS B 36 10.98 18.54 -0.89
C LYS B 36 10.34 17.81 -2.06
N THR B 37 9.01 17.80 -2.09
CA THR B 37 8.26 17.12 -3.14
C THR B 37 7.51 18.06 -4.05
N GLY B 38 7.57 19.36 -3.78
CA GLY B 38 6.84 20.29 -4.62
C GLY B 38 5.32 20.10 -4.58
N ALA B 39 4.83 19.30 -3.63
CA ALA B 39 3.38 19.09 -3.50
C ALA B 39 2.71 20.40 -3.07
N LYS B 40 1.41 20.50 -3.30
CA LYS B 40 0.69 21.73 -2.96
C LYS B 40 -0.03 21.68 -1.61
N GLY B 41 0.33 20.69 -0.80
CA GLY B 41 -0.29 20.57 0.52
C GLY B 41 -0.63 19.14 0.91
N PHE B 42 -1.58 18.99 1.83
CA PHE B 42 -1.96 17.67 2.31
C PHE B 42 -3.46 17.37 2.16
N VAL B 43 -3.82 16.15 2.47
CA VAL B 43 -5.20 15.67 2.43
C VAL B 43 -5.26 14.53 3.45
N LEU B 44 -6.27 14.54 4.32
CA LEU B 44 -6.42 13.52 5.34
C LEU B 44 -7.89 13.25 5.67
N GLY B 45 -8.21 11.99 5.95
CA GLY B 45 -9.57 11.65 6.30
C GLY B 45 -9.79 11.84 7.78
N ILE B 46 -10.79 12.65 8.13
CA ILE B 46 -11.10 12.94 9.52
C ILE B 46 -12.23 12.01 9.96
N SER B 47 -11.96 11.15 10.94
CA SER B 47 -12.94 10.18 11.42
C SER B 47 -13.70 10.61 12.66
N GLY B 48 -13.18 11.63 13.34
CA GLY B 48 -13.80 12.06 14.57
C GLY B 48 -12.96 11.40 15.65
N GLY B 49 -12.14 10.44 15.23
CA GLY B 49 -11.26 9.75 16.15
C GLY B 49 -10.03 10.57 16.53
N GLN B 50 -9.47 10.24 17.68
CA GLN B 50 -8.29 10.90 18.24
C GLN B 50 -7.07 11.09 17.31
N ASP B 51 -6.70 10.03 16.58
CA ASP B 51 -5.54 10.08 15.69
C ASP B 51 -5.67 11.05 14.54
N SER B 52 -6.74 10.90 13.76
CA SER B 52 -6.96 11.79 12.63
C SER B 52 -7.19 13.21 13.13
N THR B 53 -7.72 13.35 14.35
CA THR B 53 -7.94 14.69 14.91
C THR B 53 -6.60 15.40 15.16
N LEU B 54 -5.63 14.67 15.73
CA LEU B 54 -4.31 15.23 16.01
C LEU B 54 -3.54 15.50 14.72
N ALA B 55 -3.35 14.46 13.92
CA ALA B 55 -2.62 14.58 12.67
C ALA B 55 -3.24 15.68 11.83
N GLY B 56 -4.56 15.79 11.87
CA GLY B 56 -5.25 16.82 11.12
C GLY B 56 -4.85 18.21 11.57
N ARG B 57 -4.80 18.44 12.88
CA ARG B 57 -4.44 19.75 13.40
C ARG B 57 -2.99 20.07 13.07
N LEU B 58 -2.12 19.07 13.15
CA LEU B 58 -0.73 19.28 12.84
C LEU B 58 -0.56 19.67 11.37
N ALA B 59 -1.47 19.19 10.52
CA ALA B 59 -1.41 19.48 9.08
C ALA B 59 -1.86 20.91 8.79
N GLN B 60 -2.89 21.37 9.50
CA GLN B 60 -3.41 22.72 9.30
C GLN B 60 -2.37 23.71 9.83
N LEU B 61 -1.67 23.33 10.90
CA LEU B 61 -0.62 24.18 11.47
C LEU B 61 0.53 24.27 10.46
N ALA B 62 0.84 23.17 9.81
CA ALA B 62 1.92 23.13 8.83
C ALA B 62 1.64 23.98 7.57
N VAL B 63 0.44 23.89 7.01
CA VAL B 63 0.12 24.68 5.82
C VAL B 63 0.04 26.18 6.13
N GLU B 64 -0.46 26.52 7.32
CA GLU B 64 -0.53 27.92 7.70
C GLU B 64 0.91 28.44 7.79
N GLU B 65 1.76 27.67 8.45
CA GLU B 65 3.16 28.05 8.59
C GLU B 65 3.85 28.16 7.23
N ILE B 66 3.62 27.20 6.34
CA ILE B 66 4.22 27.24 5.01
C ILE B 66 3.80 28.55 4.35
N ARG B 67 2.50 28.81 4.34
CA ARG B 67 2.00 30.04 3.73
C ARG B 67 2.63 31.26 4.40
N ASN B 68 2.78 31.21 5.71
CA ASN B 68 3.34 32.35 6.39
C ASN B 68 4.80 32.57 6.00
N GLU B 69 5.47 31.50 5.60
CA GLU B 69 6.86 31.57 5.18
C GLU B 69 6.99 32.05 3.74
N GLY B 70 5.86 32.40 3.14
CA GLY B 70 5.86 32.89 1.77
C GLY B 70 5.52 31.81 0.75
N GLY B 71 5.27 30.61 1.25
CA GLY B 71 4.97 29.49 0.38
C GLY B 71 3.51 29.42 -0.02
N ASN B 72 3.15 28.32 -0.65
CA ASN B 72 1.79 28.08 -1.11
C ASN B 72 1.34 26.69 -0.68
N ALA B 73 0.32 26.61 0.17
CA ALA B 73 -0.14 25.31 0.64
C ALA B 73 -1.62 25.25 1.02
N THR B 74 -2.14 24.03 1.17
CA THR B 74 -3.53 23.84 1.52
C THR B 74 -3.80 22.50 2.18
N PHE B 75 -4.71 22.50 3.15
CA PHE B 75 -5.07 21.26 3.83
C PHE B 75 -6.55 20.96 3.63
N ILE B 76 -6.84 19.77 3.14
CA ILE B 76 -8.21 19.35 2.91
C ILE B 76 -8.61 18.24 3.88
N ALA B 77 -9.61 18.50 4.72
CA ALA B 77 -10.05 17.49 5.66
C ALA B 77 -11.20 16.80 4.96
N VAL B 78 -11.15 15.48 4.89
CA VAL B 78 -12.20 14.77 4.19
C VAL B 78 -12.93 13.77 5.05
N ARG B 79 -14.23 14.02 5.25
CA ARG B 79 -15.07 13.12 6.02
C ARG B 79 -15.33 11.99 5.06
N LEU B 80 -15.16 10.76 5.53
CA LEU B 80 -15.37 9.59 4.68
C LEU B 80 -16.27 8.55 5.36
N PRO B 81 -17.56 8.86 5.50
CA PRO B 81 -18.46 7.90 6.14
C PRO B 81 -18.99 6.84 5.19
N TYR B 82 -19.47 5.75 5.77
CA TYR B 82 -20.09 4.67 5.02
C TYR B 82 -21.57 4.94 5.35
N LYS B 83 -22.34 5.35 4.35
CA LYS B 83 -23.75 5.69 4.53
C LYS B 83 -23.84 6.83 5.56
N VAL B 84 -24.26 6.53 6.77
CA VAL B 84 -24.34 7.53 7.84
C VAL B 84 -23.46 7.05 8.99
N GLN B 85 -22.52 7.89 9.41
CA GLN B 85 -21.62 7.52 10.50
C GLN B 85 -22.34 7.63 11.83
N LYS B 86 -22.18 6.61 12.66
CA LYS B 86 -22.84 6.60 13.97
C LYS B 86 -22.39 7.80 14.82
N ASP B 87 -21.10 8.10 14.77
CA ASP B 87 -20.53 9.19 15.55
C ASP B 87 -20.23 10.42 14.71
N GLU B 88 -21.09 10.71 13.73
CA GLU B 88 -20.89 11.89 12.90
C GLU B 88 -20.67 13.11 13.80
N ASP B 89 -21.45 13.19 14.88
CA ASP B 89 -21.34 14.32 15.79
C ASP B 89 -19.90 14.51 16.30
N ASP B 90 -19.24 13.42 16.67
CA ASP B 90 -17.85 13.52 17.13
C ASP B 90 -16.93 14.08 16.04
N ALA B 91 -17.17 13.69 14.79
CA ALA B 91 -16.35 14.17 13.68
C ALA B 91 -16.54 15.67 13.51
N GLN B 92 -17.78 16.14 13.65
CA GLN B 92 -18.06 17.55 13.53
C GLN B 92 -17.25 18.30 14.60
N LEU B 93 -17.20 17.74 15.81
CA LEU B 93 -16.45 18.37 16.90
C LEU B 93 -14.97 18.42 16.55
N ALA B 94 -14.45 17.35 15.97
CA ALA B 94 -13.04 17.29 15.58
C ALA B 94 -12.76 18.33 14.50
N LEU B 95 -13.65 18.40 13.51
CA LEU B 95 -13.50 19.37 12.43
C LEU B 95 -13.46 20.79 12.99
N GLN B 96 -14.27 21.07 14.02
CA GLN B 96 -14.27 22.41 14.59
C GLN B 96 -12.96 22.71 15.30
N PHE B 97 -12.23 21.68 15.70
CA PHE B 97 -10.94 21.87 16.37
C PHE B 97 -9.80 22.01 15.36
N ILE B 98 -9.90 21.25 14.27
CA ILE B 98 -8.89 21.27 13.20
C ILE B 98 -8.87 22.60 12.45
N GLN B 99 -10.06 23.12 12.15
CA GLN B 99 -10.17 24.39 11.44
C GLN B 99 -9.36 24.32 10.14
N ALA B 100 -9.53 23.23 9.42
CA ALA B 100 -8.82 23.01 8.17
C ALA B 100 -9.23 24.01 7.10
N ASP B 101 -8.29 24.31 6.21
CA ASP B 101 -8.56 25.25 5.14
C ASP B 101 -9.87 24.87 4.44
N GLN B 102 -9.97 23.62 4.03
CA GLN B 102 -11.17 23.15 3.36
C GLN B 102 -11.57 21.80 3.95
N SER B 103 -12.80 21.39 3.71
CA SER B 103 -13.30 20.09 4.18
C SER B 103 -14.42 19.62 3.27
N VAL B 104 -14.50 18.32 3.07
CA VAL B 104 -15.52 17.75 2.21
C VAL B 104 -16.05 16.45 2.79
N ALA B 105 -17.24 16.05 2.36
CA ALA B 105 -17.86 14.83 2.82
C ALA B 105 -17.98 13.90 1.62
N PHE B 106 -17.41 12.70 1.75
CA PHE B 106 -17.47 11.76 0.65
C PHE B 106 -17.96 10.42 1.16
N ASP B 107 -19.23 10.13 0.89
CA ASP B 107 -19.85 8.88 1.30
C ASP B 107 -19.29 7.74 0.43
N ILE B 108 -18.64 6.76 1.06
CA ILE B 108 -18.03 5.64 0.34
C ILE B 108 -18.96 4.47 0.06
N ALA B 109 -20.16 4.53 0.62
CA ALA B 109 -21.15 3.47 0.44
C ALA B 109 -21.37 3.03 -1.01
N SER B 110 -21.76 3.96 -1.87
CA SER B 110 -22.02 3.63 -3.26
C SER B 110 -20.88 2.85 -3.88
N THR B 111 -19.64 3.29 -3.66
CA THR B 111 -18.49 2.60 -4.22
C THR B 111 -18.28 1.23 -3.57
N VAL B 112 -18.30 1.19 -2.24
CA VAL B 112 -18.11 -0.05 -1.52
C VAL B 112 -19.19 -1.06 -1.87
N ASP B 113 -20.44 -0.63 -1.81
CA ASP B 113 -21.53 -1.54 -2.11
C ASP B 113 -21.49 -2.04 -3.55
N ALA B 114 -21.04 -1.19 -4.47
CA ALA B 114 -20.94 -1.61 -5.86
C ALA B 114 -19.98 -2.81 -5.92
N PHE B 115 -18.91 -2.73 -5.13
CA PHE B 115 -17.93 -3.81 -5.09
C PHE B 115 -18.53 -5.08 -4.47
N SER B 116 -19.13 -4.95 -3.29
CA SER B 116 -19.71 -6.10 -2.60
C SER B 116 -20.73 -6.82 -3.47
N ASN B 117 -21.66 -6.06 -4.04
CA ASN B 117 -22.69 -6.64 -4.88
C ASN B 117 -22.06 -7.36 -6.06
N GLN B 118 -20.90 -6.89 -6.51
CA GLN B 118 -20.20 -7.52 -7.63
C GLN B 118 -19.51 -8.80 -7.16
N TYR B 119 -18.93 -8.75 -5.96
CA TYR B 119 -18.25 -9.91 -5.43
C TYR B 119 -19.25 -11.05 -5.31
N GLU B 120 -20.24 -10.85 -4.46
CA GLU B 120 -21.29 -11.85 -4.21
C GLU B 120 -21.86 -12.41 -5.49
N ASN B 121 -22.05 -11.55 -6.45
CA ASN B 121 -22.60 -11.91 -7.75
C ASN B 121 -21.67 -12.85 -8.51
N LEU B 122 -20.38 -12.50 -8.64
CA LEU B 122 -19.40 -13.32 -9.42
C LEU B 122 -18.75 -14.47 -8.67
N LEU B 123 -18.66 -14.39 -7.34
CA LEU B 123 -18.01 -15.44 -6.52
C LEU B 123 -19.00 -16.19 -5.65
N ASP B 124 -20.26 -16.15 -6.09
CA ASP B 124 -21.36 -16.83 -5.42
C ASP B 124 -21.09 -17.03 -3.96
N GLU B 125 -20.83 -15.95 -3.32
CA GLU B 125 -20.54 -15.95 -1.93
C GLU B 125 -20.56 -14.54 -1.48
N SER B 126 -20.54 -14.38 -0.22
CA SER B 126 -20.64 -13.02 0.16
C SER B 126 -19.48 -12.61 1.02
N LEU B 127 -19.11 -11.36 0.89
CA LEU B 127 -18.03 -10.85 1.71
C LEU B 127 -18.44 -10.91 3.17
N THR B 128 -17.51 -11.38 4.00
CA THR B 128 -17.78 -11.41 5.44
C THR B 128 -17.79 -9.97 5.90
N ASP B 129 -18.35 -9.72 7.07
CA ASP B 129 -18.39 -8.38 7.64
C ASP B 129 -16.97 -7.83 7.79
N PHE B 130 -16.04 -8.69 8.18
CA PHE B 130 -14.65 -8.27 8.37
C PHE B 130 -13.96 -7.85 7.06
N ASN B 131 -14.11 -8.65 6.01
CA ASN B 131 -13.49 -8.33 4.73
C ASN B 131 -14.14 -7.14 4.05
N LYS B 132 -15.46 -6.97 4.23
CA LYS B 132 -16.16 -5.83 3.64
C LYS B 132 -15.61 -4.59 4.33
N GLY B 133 -15.42 -4.71 5.63
CA GLY B 133 -14.88 -3.61 6.41
C GLY B 133 -13.52 -3.20 5.87
N ASN B 134 -12.71 -4.18 5.51
CA ASN B 134 -11.41 -3.87 4.96
C ASN B 134 -11.54 -3.17 3.61
N VAL B 135 -12.62 -3.48 2.88
CA VAL B 135 -12.85 -2.84 1.59
C VAL B 135 -13.13 -1.35 1.80
N LYS B 136 -13.83 -1.04 2.89
CA LYS B 136 -14.15 0.34 3.19
C LYS B 136 -12.87 1.13 3.51
N ALA B 137 -12.04 0.54 4.36
CA ALA B 137 -10.78 1.16 4.74
C ALA B 137 -9.97 1.42 3.48
N ARG B 138 -9.98 0.45 2.57
CA ARG B 138 -9.26 0.55 1.32
C ARG B 138 -9.90 1.52 0.33
N ILE B 139 -11.21 1.68 0.38
CA ILE B 139 -11.85 2.63 -0.51
C ILE B 139 -11.58 4.04 0.05
N ARG B 140 -11.41 4.13 1.36
CA ARG B 140 -11.10 5.42 1.97
C ARG B 140 -9.76 5.89 1.44
N MET B 141 -8.83 4.95 1.23
CA MET B 141 -7.52 5.29 0.70
C MET B 141 -7.66 5.72 -0.76
N VAL B 142 -8.46 4.99 -1.53
CA VAL B 142 -8.69 5.34 -2.93
C VAL B 142 -9.15 6.81 -3.03
N THR B 143 -10.13 7.18 -2.20
CA THR B 143 -10.68 8.53 -2.20
C THR B 143 -9.66 9.60 -1.85
N GLN B 144 -8.87 9.39 -0.79
CA GLN B 144 -7.86 10.38 -0.42
C GLN B 144 -6.83 10.54 -1.55
N TYR B 145 -6.34 9.42 -2.07
CA TYR B 145 -5.37 9.48 -3.16
C TYR B 145 -5.94 10.11 -4.43
N ALA B 146 -7.25 10.02 -4.59
CA ALA B 146 -7.90 10.61 -5.76
C ALA B 146 -7.86 12.13 -5.60
N ILE B 147 -8.33 12.61 -4.45
CA ILE B 147 -8.32 14.03 -4.18
C ILE B 147 -6.89 14.55 -4.20
N GLY B 148 -5.96 13.78 -3.66
CA GLY B 148 -4.57 14.19 -3.64
C GLY B 148 -3.99 14.31 -5.03
N GLY B 149 -4.40 13.41 -5.92
CA GLY B 149 -3.90 13.43 -7.28
C GLY B 149 -4.50 14.58 -8.09
N GLN B 150 -5.77 14.89 -7.84
CA GLN B 150 -6.46 15.96 -8.55
C GLN B 150 -5.97 17.34 -8.14
N LYS B 151 -5.72 17.52 -6.85
CA LYS B 151 -5.28 18.82 -6.33
C LYS B 151 -3.80 18.87 -5.98
N GLY B 152 -3.08 17.79 -6.27
CA GLY B 152 -1.65 17.75 -5.99
C GLY B 152 -1.26 17.70 -4.51
N LEU B 153 -2.08 17.03 -3.71
CA LEU B 153 -1.83 16.92 -2.28
C LEU B 153 -1.26 15.57 -1.87
N LEU B 154 -0.46 15.61 -0.80
CA LEU B 154 0.15 14.42 -0.22
C LEU B 154 -0.86 13.79 0.73
N VAL B 155 -0.81 12.46 0.87
CA VAL B 155 -1.74 11.76 1.75
C VAL B 155 -1.15 11.51 3.13
N ILE B 156 -1.70 12.17 4.15
CA ILE B 156 -1.21 11.97 5.50
C ILE B 156 -1.74 10.67 6.09
N GLY B 157 -0.86 9.95 6.77
CA GLY B 157 -1.21 8.71 7.40
C GLY B 157 -1.17 8.96 8.90
N THR B 158 -2.07 8.33 9.65
CA THR B 158 -2.12 8.56 11.09
C THR B 158 -1.57 7.43 11.91
N ASP B 159 -0.80 6.54 11.30
CA ASP B 159 -0.23 5.44 12.04
C ASP B 159 0.67 5.93 13.18
N HIS B 160 0.66 5.21 14.30
CA HIS B 160 1.52 5.55 15.43
C HIS B 160 2.01 4.28 16.11
N ALA B 161 2.81 4.43 17.16
CA ALA B 161 3.36 3.26 17.85
C ALA B 161 2.32 2.30 18.42
N ALA B 162 1.30 2.85 19.08
CA ALA B 162 0.25 2.03 19.69
C ALA B 162 -0.54 1.22 18.69
N GLU B 163 -0.54 1.70 17.45
CA GLU B 163 -1.28 1.03 16.40
C GLU B 163 -0.34 0.15 15.57
N ALA B 164 0.93 0.51 15.55
CA ALA B 164 1.92 -0.25 14.78
C ALA B 164 2.37 -1.54 15.46
N VAL B 165 2.58 -1.50 16.77
CA VAL B 165 3.07 -2.68 17.48
C VAL B 165 2.15 -3.89 17.32
N THR B 166 0.88 -3.63 17.03
CA THR B 166 -0.09 -4.70 16.85
C THR B 166 -0.49 -4.79 15.38
N GLY B 167 0.03 -3.88 14.55
CA GLY B 167 -0.31 -3.85 13.14
C GLY B 167 -1.81 -3.66 13.00
N PHE B 168 -2.35 -2.79 13.85
CA PHE B 168 -3.78 -2.55 13.87
C PHE B 168 -4.20 -1.49 12.87
N PHE B 169 -4.26 -1.91 11.61
CA PHE B 169 -4.64 -1.06 10.50
C PHE B 169 -4.78 -1.95 9.27
N THR B 170 -5.45 -1.46 8.24
CA THR B 170 -5.62 -2.25 7.02
C THR B 170 -4.48 -2.04 6.04
N LYS B 171 -3.88 -3.16 5.64
CA LYS B 171 -2.78 -3.10 4.69
C LYS B 171 -3.30 -2.45 3.43
N PHE B 172 -2.66 -1.36 3.03
CA PHE B 172 -3.05 -0.63 1.83
C PHE B 172 -4.39 0.03 1.99
N GLY B 173 -4.83 0.17 3.23
CA GLY B 173 -6.07 0.84 3.53
C GLY B 173 -5.64 2.13 4.21
N ASP B 174 -5.78 2.20 5.52
CA ASP B 174 -5.34 3.39 6.21
C ASP B 174 -3.84 3.25 6.38
N GLY B 175 -3.34 2.05 6.13
CA GLY B 175 -1.92 1.83 6.25
C GLY B 175 -1.21 2.43 5.05
N GLY B 176 -1.96 2.68 3.98
CA GLY B 176 -1.36 3.26 2.78
C GLY B 176 -1.39 4.77 2.81
N ALA B 177 -0.21 5.39 2.74
CA ALA B 177 -0.12 6.83 2.74
C ALA B 177 1.32 7.25 2.47
N ASP B 178 1.52 8.55 2.28
CA ASP B 178 2.85 9.05 1.97
C ASP B 178 3.65 9.57 3.18
N LEU B 179 2.96 10.16 4.14
CA LEU B 179 3.61 10.80 5.28
C LEU B 179 3.02 10.41 6.62
N LEU B 180 3.88 10.09 7.60
CA LEU B 180 3.43 9.68 8.92
C LEU B 180 3.90 10.60 10.04
N PRO B 181 3.15 11.68 10.32
CA PRO B 181 3.51 12.64 11.37
C PRO B 181 3.36 12.20 12.83
N LEU B 182 2.71 11.06 13.07
CA LEU B 182 2.52 10.57 14.44
C LEU B 182 3.42 9.40 14.80
N THR B 183 4.29 9.01 13.87
CA THR B 183 5.19 7.89 14.09
C THR B 183 5.89 7.93 15.45
N GLY B 184 5.88 6.80 16.16
CA GLY B 184 6.55 6.70 17.44
C GLY B 184 5.77 7.12 18.67
N LEU B 185 4.66 7.81 18.49
CA LEU B 185 3.85 8.23 19.64
C LEU B 185 2.98 7.10 20.15
N THR B 186 2.85 7.03 21.46
CA THR B 186 2.00 6.02 22.09
C THR B 186 0.61 6.66 22.12
N LYS B 187 -0.43 5.88 22.44
CA LYS B 187 -1.77 6.44 22.46
C LYS B 187 -1.80 7.54 23.52
N ARG B 188 -1.26 7.21 24.69
CA ARG B 188 -1.18 8.10 25.84
C ARG B 188 -0.60 9.45 25.43
N GLN B 189 0.54 9.41 24.75
CA GLN B 189 1.23 10.61 24.33
C GLN B 189 0.47 11.43 23.30
N GLY B 190 -0.25 10.74 22.42
CA GLY B 190 -1.03 11.43 21.41
C GLY B 190 -2.07 12.31 22.08
N ARG B 191 -2.61 11.85 23.20
CA ARG B 191 -3.61 12.65 23.90
C ARG B 191 -2.95 13.88 24.53
N ALA B 192 -1.69 13.72 24.92
CA ALA B 192 -0.95 14.83 25.53
C ALA B 192 -0.75 15.93 24.51
N LEU B 193 -0.53 15.55 23.25
CA LEU B 193 -0.34 16.54 22.19
C LEU B 193 -1.65 17.26 21.95
N LEU B 194 -2.76 16.53 22.08
CA LEU B 194 -4.07 17.12 21.87
C LEU B 194 -4.36 18.10 23.00
N GLN B 195 -4.02 17.72 24.23
CA GLN B 195 -4.24 18.62 25.35
C GLN B 195 -3.37 19.87 25.18
N GLU B 196 -2.13 19.67 24.77
CA GLU B 196 -1.24 20.81 24.56
C GLU B 196 -1.80 21.76 23.50
N LEU B 197 -2.49 21.20 22.51
CA LEU B 197 -3.11 21.99 21.45
C LEU B 197 -4.45 22.54 21.91
N GLY B 198 -4.87 22.13 23.12
CA GLY B 198 -6.13 22.61 23.67
C GLY B 198 -7.37 22.05 23.01
N ALA B 199 -7.40 20.74 22.83
CA ALA B 199 -8.57 20.13 22.21
C ALA B 199 -9.64 19.91 23.26
N ASP B 200 -10.89 19.90 22.84
CA ASP B 200 -12.00 19.65 23.74
C ASP B 200 -11.72 18.26 24.31
N GLU B 201 -11.86 18.10 25.62
CA GLU B 201 -11.56 16.83 26.26
C GLU B 201 -12.24 15.64 25.57
N ARG B 202 -13.43 15.87 25.01
CA ARG B 202 -14.17 14.82 24.34
C ARG B 202 -13.43 14.26 23.10
N LEU B 203 -12.49 15.04 22.57
CA LEU B 203 -11.74 14.61 21.39
C LEU B 203 -10.66 13.58 21.70
N TYR B 204 -10.15 13.57 22.93
CA TYR B 204 -9.13 12.60 23.29
C TYR B 204 -9.62 11.59 24.32
N LEU B 205 -10.83 11.79 24.83
CA LEU B 205 -11.39 10.85 25.80
C LEU B 205 -12.30 9.86 25.10
N LYS B 206 -12.55 10.11 23.82
CA LYS B 206 -13.40 9.23 23.01
C LYS B 206 -12.80 7.83 22.93
N MET B 207 -13.67 6.85 22.68
CA MET B 207 -13.27 5.44 22.59
C MET B 207 -12.67 5.12 21.21
N PRO B 208 -11.40 4.69 21.18
CA PRO B 208 -10.72 4.34 19.92
C PRO B 208 -11.48 3.27 19.17
N THR B 209 -11.67 3.44 17.87
CA THR B 209 -12.39 2.46 17.08
C THR B 209 -12.25 2.72 15.58
N ALA B 210 -12.07 1.65 14.81
CA ALA B 210 -11.92 1.75 13.37
C ALA B 210 -13.30 1.76 12.73
N ASP B 211 -14.30 1.40 13.52
CA ASP B 211 -15.70 1.37 13.07
C ASP B 211 -15.82 0.92 11.61
N LEU B 212 -15.47 -0.34 11.36
CA LEU B 212 -15.55 -0.89 10.01
C LEU B 212 -16.66 -1.93 9.81
N LEU B 213 -17.07 -2.60 10.87
CA LEU B 213 -18.08 -3.66 10.78
C LEU B 213 -19.53 -3.19 10.77
N ASP B 214 -20.34 -3.87 9.96
CA ASP B 214 -21.76 -3.56 9.86
C ASP B 214 -22.50 -4.13 11.06
N GLU B 215 -22.19 -5.35 11.45
CA GLU B 215 -22.88 -5.96 12.57
C GLU B 215 -22.50 -5.42 13.96
N LYS B 216 -21.27 -4.95 14.10
CA LYS B 216 -20.82 -4.42 15.37
C LYS B 216 -20.16 -3.08 15.13
N PRO B 217 -20.94 -2.07 14.73
CA PRO B 217 -20.42 -0.74 14.47
C PRO B 217 -19.87 -0.07 15.71
N GLY B 218 -18.87 0.78 15.55
CA GLY B 218 -18.28 1.48 16.67
C GLY B 218 -17.59 0.58 17.70
N GLN B 219 -17.20 -0.62 17.26
CA GLN B 219 -16.53 -1.59 18.15
C GLN B 219 -15.22 -1.05 18.73
N ALA B 220 -15.08 -1.18 20.05
CA ALA B 220 -13.89 -0.73 20.75
C ALA B 220 -12.66 -1.54 20.34
N ASP B 221 -11.58 -0.83 20.03
CA ASP B 221 -10.32 -1.48 19.65
C ASP B 221 -9.95 -2.51 20.69
N GLU B 222 -9.97 -2.08 21.95
CA GLU B 222 -9.62 -2.92 23.09
C GLU B 222 -10.40 -4.22 23.09
N THR B 223 -11.67 -4.14 22.72
CA THR B 223 -12.48 -5.34 22.69
C THR B 223 -11.99 -6.30 21.61
N GLU B 224 -11.51 -5.75 20.49
CA GLU B 224 -11.01 -6.59 19.41
C GLU B 224 -9.58 -7.09 19.71
N LEU B 225 -8.79 -6.24 20.36
CA LEU B 225 -7.41 -6.57 20.71
C LEU B 225 -7.25 -7.46 21.94
N GLY B 226 -7.98 -7.14 23.00
CA GLY B 226 -7.84 -7.92 24.22
C GLY B 226 -6.70 -7.32 25.02
N ILE B 227 -6.30 -6.11 24.62
CA ILE B 227 -5.23 -5.37 25.29
C ILE B 227 -5.75 -3.94 25.37
N THR B 228 -5.70 -3.32 26.55
CA THR B 228 -6.16 -1.94 26.67
C THR B 228 -5.02 -1.08 26.18
N TYR B 229 -5.33 0.13 25.72
CA TYR B 229 -4.27 1.01 25.25
C TYR B 229 -3.40 1.38 26.43
N ASP B 230 -4.00 1.31 27.62
CA ASP B 230 -3.27 1.59 28.85
C ASP B 230 -2.12 0.58 28.96
N GLN B 231 -2.38 -0.68 28.63
CA GLN B 231 -1.33 -1.71 28.70
C GLN B 231 -0.31 -1.52 27.58
N LEU B 232 -0.81 -1.31 26.36
CA LEU B 232 0.08 -1.12 25.22
C LEU B 232 1.01 0.05 25.47
N ASP B 233 0.49 1.12 26.08
CA ASP B 233 1.33 2.28 26.35
C ASP B 233 2.38 1.98 27.42
N ASP B 234 2.03 1.18 28.42
CA ASP B 234 3.01 0.82 29.45
C ASP B 234 4.14 0.05 28.78
N TYR B 235 3.78 -0.95 28.00
CA TYR B 235 4.77 -1.78 27.32
C TYR B 235 5.68 -0.91 26.46
N LEU B 236 5.08 -0.10 25.61
CA LEU B 236 5.83 0.74 24.68
C LEU B 236 6.68 1.81 25.32
N GLU B 237 6.28 2.30 26.48
CA GLU B 237 7.04 3.34 27.15
C GLU B 237 8.13 2.74 28.01
N GLY B 238 8.21 1.42 28.02
CA GLY B 238 9.26 0.77 28.79
C GLY B 238 8.89 0.24 30.17
N LYS B 239 7.73 0.65 30.68
CA LYS B 239 7.29 0.21 31.99
C LYS B 239 7.12 -1.31 32.00
N THR B 240 6.77 -1.88 33.16
CA THR B 240 6.59 -3.33 33.26
C THR B 240 5.14 -3.75 33.06
N VAL B 241 4.93 -5.00 32.65
CA VAL B 241 3.58 -5.49 32.42
C VAL B 241 3.52 -6.99 32.74
N PRO B 242 2.32 -7.50 33.10
CA PRO B 242 2.20 -8.92 33.41
C PRO B 242 2.71 -9.73 32.22
N ALA B 243 3.50 -10.77 32.51
CA ALA B 243 4.09 -11.62 31.48
C ALA B 243 3.14 -11.99 30.37
N ASP B 244 1.93 -12.40 30.73
CA ASP B 244 0.93 -12.82 29.75
C ASP B 244 0.54 -11.69 28.81
N VAL B 245 0.73 -10.46 29.28
CA VAL B 245 0.42 -9.26 28.52
C VAL B 245 1.55 -9.03 27.54
N ALA B 246 2.75 -8.85 28.06
CA ALA B 246 3.92 -8.64 27.21
C ALA B 246 3.96 -9.72 26.14
N GLU B 247 3.73 -10.97 26.54
CA GLU B 247 3.74 -12.11 25.62
C GLU B 247 2.71 -12.00 24.50
N LYS B 248 1.48 -11.61 24.84
CA LYS B 248 0.45 -11.49 23.82
C LYS B 248 0.81 -10.35 22.86
N ILE B 249 1.34 -9.27 23.42
CA ILE B 249 1.73 -8.12 22.64
C ILE B 249 2.90 -8.42 21.71
N GLU B 250 3.86 -9.20 22.19
CA GLU B 250 5.02 -9.50 21.36
C GLU B 250 4.71 -10.51 20.26
N LYS B 251 3.70 -11.35 20.45
CA LYS B 251 3.35 -12.32 19.42
C LYS B 251 2.62 -11.56 18.31
N ARG B 252 1.67 -10.70 18.68
CA ARG B 252 0.97 -9.93 17.66
C ARG B 252 1.97 -9.09 16.86
N TYR B 253 3.04 -8.65 17.51
CA TYR B 253 4.07 -7.84 16.85
C TYR B 253 4.83 -8.63 15.76
N THR B 254 5.41 -9.77 16.14
CA THR B 254 6.17 -10.60 15.20
C THR B 254 5.35 -11.15 14.05
N VAL B 255 4.10 -11.53 14.29
CA VAL B 255 3.27 -12.09 13.22
C VAL B 255 2.79 -11.04 12.22
N SER B 256 2.74 -9.78 12.63
CA SER B 256 2.28 -8.71 11.75
C SER B 256 3.45 -7.90 11.17
N GLU B 257 4.64 -8.49 11.18
CA GLU B 257 5.81 -7.80 10.67
C GLU B 257 5.62 -7.41 9.22
N HIS B 258 4.94 -8.29 8.47
CA HIS B 258 4.71 -8.02 7.05
C HIS B 258 3.97 -6.71 6.77
N LYS B 259 3.16 -6.23 7.71
CA LYS B 259 2.41 -4.99 7.51
C LYS B 259 3.27 -3.73 7.74
N ARG B 260 4.49 -3.94 8.22
CA ARG B 260 5.39 -2.83 8.48
C ARG B 260 6.60 -2.88 7.56
N GLN B 261 6.47 -3.62 6.47
CA GLN B 261 7.56 -3.76 5.51
C GLN B 261 6.97 -3.75 4.12
N VAL B 262 7.77 -3.37 3.13
CA VAL B 262 7.29 -3.37 1.75
C VAL B 262 7.08 -4.83 1.38
N PRO B 263 6.37 -5.10 0.28
CA PRO B 263 6.11 -6.46 -0.17
C PRO B 263 7.40 -7.26 -0.07
N ALA B 264 7.31 -8.49 0.43
CA ALA B 264 8.48 -9.34 0.59
C ALA B 264 8.97 -9.96 -0.70
N SER B 265 10.29 -10.08 -0.83
CA SER B 265 10.89 -10.71 -1.99
C SER B 265 11.92 -11.65 -1.39
N MET B 266 12.49 -12.53 -2.20
CA MET B 266 13.46 -13.48 -1.68
C MET B 266 14.76 -12.90 -1.14
N PHE B 267 14.97 -11.60 -1.31
CA PHE B 267 16.19 -11.00 -0.82
C PHE B 267 16.02 -10.38 0.55
N ASP B 268 14.79 -10.39 1.05
CA ASP B 268 14.51 -9.83 2.37
C ASP B 268 14.75 -10.90 3.44
N ASP B 269 15.24 -10.48 4.61
CA ASP B 269 15.54 -11.41 5.69
C ASP B 269 14.52 -11.43 6.82
N TRP B 270 13.78 -10.35 6.98
CA TRP B 270 12.83 -10.29 8.06
C TRP B 270 11.84 -11.45 8.05
N TRP B 271 11.38 -11.88 6.89
CA TRP B 271 10.44 -12.98 6.89
C TRP B 271 11.14 -14.32 7.15
N LYS B 272 12.41 -14.43 6.75
CA LYS B 272 13.17 -15.67 6.99
C LYS B 272 13.43 -15.84 8.48
N LEU B 273 13.75 -14.73 9.15
CA LEU B 273 14.03 -14.74 10.58
C LEU B 273 12.78 -15.10 11.38
N ALA B 274 11.64 -14.56 10.95
CA ALA B 274 10.35 -14.79 11.61
C ALA B 274 9.92 -16.25 11.77
N ALA B 275 9.54 -16.64 12.99
CA ALA B 275 9.06 -18.00 13.27
C ALA B 275 7.83 -18.23 12.40
N ALA B 276 6.95 -17.21 12.35
CA ALA B 276 5.72 -17.31 11.56
C ALA B 276 5.01 -15.98 11.32
N LEU B 277 4.50 -15.78 10.11
CA LEU B 277 3.76 -14.57 9.75
C LEU B 277 2.25 -14.88 9.79
N GLU B 278 1.42 -13.84 9.89
CA GLU B 278 -0.03 -14.04 10.01
C GLU B 278 -0.86 -12.95 9.29
N HIS B 279 -1.38 -13.29 8.11
CA HIS B 279 -2.19 -12.38 7.28
C HIS B 279 -3.69 -12.51 7.53
#